data_6T3V
#
_entry.id   6T3V
#
_cell.length_a   90.209
_cell.length_b   90.209
_cell.length_c   241.750
_cell.angle_alpha   90.000
_cell.angle_beta   90.000
_cell.angle_gamma   120.000
#
_symmetry.space_group_name_H-M   'P 65 2 2'
#
loop_
_entity.id
_entity.type
_entity.pdbx_description
1 polymer Aminotransferase
2 non-polymer "PYRIDOXAL-5'-PHOSPHATE"
3 non-polymer '(2S)-2-hydroxybutanedioic acid'
4 water water
#
_entity_poly.entity_id   1
_entity_poly.type   'polypeptide(L)'
_entity_poly.pdbx_seq_one_letter_code
;MFERIDYYAGDPILGLVEKFAADNNPDKVNLGIGIYYDESGVMPVLDCVKIAEQRIADPISPRPYLPMAGLPGHRKGCQE
LLFGKDAPVLKDGLVATIATIGGSGALKVGAEFIHEWFPQSKCYVSDPTWGNHIAIFEGCDIEVGKYPYYDTATGGIKFD
EMIAFFETLNKDDVLLLHPCCHNPTGVDLTREQWDTVLNVIQERELIPFMDIAYQGFGEDMDSDAYAIRKAVDMGLPLFV
SNSFSKNLSLYGERVGGLSVVCPTVDETERVFGQLNSTVRRIYSSPPSHGGRVVDIVMNDAALHEQWVGEVYAMRDRIKS
MRTKLKSVLEAKISGRNFDYLTAQNGMFSFTGLTPEQVERLQSEFGIYMISNSRMCVAGLNSSNIDYVANAMVDVLKD
;
_entity_poly.pdbx_strand_id   A
#
# COMPACT_ATOMS: atom_id res chain seq x y z
N MET A 1 -10.54 19.48 -32.81
CA MET A 1 -11.37 18.41 -32.19
C MET A 1 -11.16 18.31 -30.68
N PHE A 2 -9.90 18.34 -30.27
CA PHE A 2 -9.54 18.04 -28.89
C PHE A 2 -8.92 19.23 -28.17
N GLU A 3 -9.19 20.45 -28.67
CA GLU A 3 -8.63 21.64 -28.00
C GLU A 3 -9.18 21.79 -26.57
N ARG A 4 -10.41 21.29 -26.33
CA ARG A 4 -11.08 21.26 -24.99
C ARG A 4 -10.32 20.40 -23.95
N ILE A 5 -9.37 19.55 -24.41
CA ILE A 5 -8.77 18.54 -23.51
C ILE A 5 -7.54 19.15 -22.83
N ASP A 6 -7.57 19.21 -21.49
CA ASP A 6 -6.47 19.73 -20.68
C ASP A 6 -5.23 18.89 -20.89
N TYR A 7 -4.07 19.55 -20.83
CA TYR A 7 -2.85 18.80 -20.64
C TYR A 7 -2.91 18.08 -19.33
N TYR A 8 -2.32 16.90 -19.30
CA TYR A 8 -2.15 16.24 -18.03
C TYR A 8 -0.83 16.69 -17.50
N ALA A 9 -0.86 17.23 -16.28
CA ALA A 9 0.35 17.65 -15.53
C ALA A 9 1.31 16.50 -15.21
N GLY A 10 0.80 15.26 -15.19
CA GLY A 10 1.54 14.02 -14.87
C GLY A 10 1.31 13.69 -13.37
N ASP A 11 1.51 12.49 -12.86
CA ASP A 11 1.12 12.18 -11.42
C ASP A 11 2.26 12.74 -10.41
N PRO A 12 1.97 13.17 -9.13
CA PRO A 12 3.18 13.62 -8.30
C PRO A 12 4.27 12.55 -8.06
N ILE A 13 3.91 11.28 -8.21
CA ILE A 13 4.85 10.16 -7.98
C ILE A 13 5.38 9.75 -9.33
N LEU A 14 4.46 9.37 -10.22
CA LEU A 14 4.89 8.85 -11.49
C LEU A 14 5.50 9.94 -12.41
N GLY A 15 5.12 11.22 -12.23
CA GLY A 15 5.74 12.33 -13.00
C GLY A 15 7.26 12.41 -12.76
N LEU A 16 7.73 11.87 -11.62
CA LEU A 16 9.16 11.87 -11.28
C LEU A 16 9.99 10.72 -11.87
N VAL A 17 9.33 9.69 -12.40
CA VAL A 17 10.06 8.53 -12.93
C VAL A 17 10.95 8.92 -14.15
N GLU A 18 10.35 9.58 -15.16
CA GLU A 18 11.06 10.03 -16.36
C GLU A 18 12.11 11.09 -16.00
N LYS A 19 11.73 12.00 -15.10
CA LYS A 19 12.62 13.07 -14.64
C LYS A 19 13.89 12.52 -14.01
N PHE A 20 13.74 11.56 -13.09
CA PHE A 20 14.89 10.93 -12.46
C PHE A 20 15.78 10.25 -13.49
N ALA A 21 15.18 9.44 -14.39
CA ALA A 21 15.95 8.75 -15.45
C ALA A 21 16.78 9.75 -16.30
N ALA A 22 16.17 10.88 -16.64
CA ALA A 22 16.81 11.90 -17.51
C ALA A 22 17.93 12.72 -16.84
N ASP A 23 17.90 12.79 -15.50
CA ASP A 23 18.79 13.66 -14.72
C ASP A 23 20.25 13.29 -14.88
N ASN A 24 21.05 14.33 -15.16
CA ASN A 24 22.48 14.23 -15.46
C ASN A 24 23.39 14.24 -14.24
N ASN A 25 22.86 14.65 -13.09
CA ASN A 25 23.64 14.71 -11.86
C ASN A 25 24.14 13.31 -11.50
N PRO A 26 25.47 13.10 -11.46
CA PRO A 26 26.02 11.76 -11.23
C PRO A 26 25.71 11.21 -9.83
N ASP A 27 25.39 12.10 -8.89
CA ASP A 27 25.10 11.66 -7.53
C ASP A 27 23.61 11.60 -7.24
N LYS A 28 22.79 11.60 -8.29
CA LYS A 28 21.32 11.55 -8.12
C LYS A 28 20.85 10.35 -7.28
N VAL A 29 19.78 10.56 -6.52
CA VAL A 29 19.20 9.50 -5.66
C VAL A 29 17.69 9.50 -5.80
N ASN A 30 17.12 8.34 -6.09
CA ASN A 30 15.66 8.22 -6.20
C ASN A 30 15.04 7.77 -4.88
N LEU A 31 14.39 8.71 -4.19
CA LEU A 31 13.65 8.42 -2.97
C LEU A 31 12.19 8.73 -3.23
N GLY A 32 11.75 8.59 -4.49
CA GLY A 32 10.36 8.96 -4.83
C GLY A 32 9.44 7.77 -4.76
N ILE A 33 9.25 7.13 -5.90
CA ILE A 33 8.34 5.97 -5.98
C ILE A 33 8.69 4.89 -4.97
N GLY A 34 7.63 4.27 -4.43
CA GLY A 34 7.74 3.30 -3.32
C GLY A 34 8.19 1.91 -3.71
N ILE A 35 9.33 1.84 -4.38
CA ILE A 35 9.88 0.57 -4.84
C ILE A 35 10.99 0.13 -3.89
N TYR A 36 11.04 -1.17 -3.58
CA TYR A 36 12.17 -1.72 -2.81
C TYR A 36 13.41 -1.97 -3.70
N TYR A 37 14.55 -1.36 -3.32
CA TYR A 37 15.85 -1.62 -3.94
CA TYR A 37 15.84 -1.64 -3.95
C TYR A 37 16.74 -2.24 -2.88
N ASP A 38 17.66 -3.11 -3.31
CA ASP A 38 18.54 -3.77 -2.36
C ASP A 38 19.72 -2.89 -1.95
N GLU A 39 20.69 -3.47 -1.25
CA GLU A 39 21.81 -2.69 -0.73
CA GLU A 39 21.88 -2.78 -0.74
C GLU A 39 22.68 -2.07 -1.83
N SER A 40 22.54 -2.58 -3.07
CA SER A 40 23.26 -2.05 -4.22
CA SER A 40 23.28 -2.05 -4.22
C SER A 40 22.41 -1.13 -5.08
N GLY A 41 21.18 -0.88 -4.64
CA GLY A 41 20.27 0.04 -5.35
C GLY A 41 19.59 -0.60 -6.54
N VAL A 42 19.53 -1.93 -6.57
CA VAL A 42 18.94 -2.70 -7.67
C VAL A 42 17.63 -3.34 -7.21
N MET A 43 16.62 -3.39 -8.10
CA MET A 43 15.36 -4.07 -7.77
C MET A 43 15.57 -5.57 -7.81
N PRO A 44 15.23 -6.30 -6.72
CA PRO A 44 15.50 -7.75 -6.74
C PRO A 44 14.47 -8.52 -7.57
N VAL A 45 14.90 -9.66 -8.10
CA VAL A 45 14.01 -10.73 -8.51
C VAL A 45 14.02 -11.68 -7.33
N LEU A 46 12.85 -11.90 -6.70
CA LEU A 46 12.81 -12.83 -5.56
C LEU A 46 13.06 -14.27 -6.03
N ASP A 47 13.76 -15.02 -5.19
CA ASP A 47 14.03 -16.42 -5.58
C ASP A 47 12.75 -17.22 -5.71
N CYS A 48 11.74 -16.95 -4.88
CA CYS A 48 10.48 -17.70 -4.98
C CYS A 48 9.83 -17.44 -6.35
N VAL A 49 9.92 -16.21 -6.82
CA VAL A 49 9.33 -15.81 -8.10
C VAL A 49 10.14 -16.46 -9.23
N LYS A 50 11.48 -16.44 -9.12
CA LYS A 50 12.30 -17.04 -10.18
C LYS A 50 11.92 -18.52 -10.33
N ILE A 51 11.72 -19.21 -9.22
CA ILE A 51 11.34 -20.67 -9.30
C ILE A 51 9.96 -20.81 -9.95
N ALA A 52 9.01 -19.96 -9.52
CA ALA A 52 7.64 -20.04 -10.12
C ALA A 52 7.69 -19.76 -11.64
N GLU A 53 8.49 -18.78 -12.07
CA GLU A 53 8.54 -18.41 -13.48
C GLU A 53 9.23 -19.50 -14.28
N GLN A 54 10.20 -20.22 -13.69
CA GLN A 54 10.79 -21.36 -14.40
CA GLN A 54 10.77 -21.35 -14.43
C GLN A 54 9.72 -22.44 -14.66
N ARG A 55 8.82 -22.63 -13.69
CA ARG A 55 7.69 -23.58 -13.83
C ARG A 55 6.73 -23.13 -14.93
N ILE A 56 6.42 -21.83 -14.97
CA ILE A 56 5.49 -21.32 -15.97
C ILE A 56 6.08 -21.47 -17.37
N ALA A 57 7.43 -21.39 -17.48
CA ALA A 57 8.11 -21.50 -18.77
C ALA A 57 8.36 -22.93 -19.21
N ASP A 58 7.94 -23.92 -18.40
CA ASP A 58 8.27 -25.35 -18.69
C ASP A 58 7.14 -26.28 -18.30
N PRO A 59 6.17 -26.52 -19.20
CA PRO A 59 6.24 -26.04 -20.59
C PRO A 59 5.51 -24.73 -20.79
N ILE A 60 5.89 -24.04 -21.85
CA ILE A 60 5.06 -22.90 -22.33
C ILE A 60 3.70 -23.45 -22.76
N SER A 61 2.65 -22.92 -22.11
CA SER A 61 1.33 -23.56 -22.17
C SER A 61 0.30 -22.68 -22.89
N PRO A 62 -0.79 -23.29 -23.39
CA PRO A 62 -1.88 -22.48 -23.97
C PRO A 62 -2.34 -21.41 -22.97
N ARG A 63 -2.93 -20.34 -23.48
CA ARG A 63 -3.23 -19.19 -22.65
C ARG A 63 -4.73 -18.79 -22.73
N PRO A 64 -5.62 -19.67 -22.26
CA PRO A 64 -7.02 -19.30 -22.21
C PRO A 64 -7.26 -18.14 -21.22
N TYR A 65 -8.41 -17.50 -21.36
CA TYR A 65 -8.76 -16.51 -20.32
C TYR A 65 -8.80 -17.18 -18.94
N LEU A 66 -8.35 -16.42 -17.94
CA LEU A 66 -8.65 -16.79 -16.56
C LEU A 66 -10.14 -16.53 -16.32
N PRO A 67 -10.68 -17.10 -15.26
CA PRO A 67 -12.02 -16.65 -14.80
C PRO A 67 -12.03 -15.15 -14.59
N MET A 68 -13.22 -14.53 -14.63
CA MET A 68 -13.32 -13.10 -14.32
C MET A 68 -12.68 -12.84 -12.93
N ALA A 69 -12.84 -13.77 -11.98
CA ALA A 69 -12.30 -13.61 -10.62
C ALA A 69 -10.81 -13.94 -10.50
N GLY A 70 -10.17 -14.39 -11.61
CA GLY A 70 -8.79 -14.84 -11.52
C GLY A 70 -8.68 -16.29 -11.07
N LEU A 71 -7.43 -16.75 -10.90
CA LEU A 71 -7.23 -18.16 -10.53
C LEU A 71 -7.70 -18.43 -9.10
N PRO A 72 -8.29 -19.60 -8.87
CA PRO A 72 -8.74 -19.91 -7.51
C PRO A 72 -7.55 -19.92 -6.51
N GLY A 73 -6.35 -20.34 -6.94
CA GLY A 73 -5.23 -20.37 -5.99
C GLY A 73 -4.73 -18.96 -5.69
N HIS A 74 -4.85 -18.02 -6.66
CA HIS A 74 -4.50 -16.62 -6.38
C HIS A 74 -5.47 -16.03 -5.36
N ARG A 75 -6.77 -16.27 -5.57
CA ARG A 75 -7.79 -15.80 -4.61
C ARG A 75 -7.55 -16.38 -3.23
N LYS A 76 -7.26 -17.71 -3.18
CA LYS A 76 -7.01 -18.34 -1.86
C LYS A 76 -5.76 -17.78 -1.21
N GLY A 77 -4.69 -17.55 -2.03
CA GLY A 77 -3.44 -16.93 -1.51
C GLY A 77 -3.70 -15.60 -0.86
N CYS A 78 -4.51 -14.77 -1.52
CA CYS A 78 -4.84 -13.45 -0.92
CA CYS A 78 -4.87 -13.49 -0.97
C CYS A 78 -5.60 -13.69 0.39
N GLN A 79 -6.60 -14.57 0.35
CA GLN A 79 -7.42 -14.77 1.57
C GLN A 79 -6.61 -15.25 2.77
N GLU A 80 -5.74 -16.24 2.55
CA GLU A 80 -4.98 -16.78 3.70
C GLU A 80 -4.00 -15.74 4.25
N LEU A 81 -3.44 -14.91 3.35
CA LEU A 81 -2.48 -13.90 3.79
C LEU A 81 -3.20 -12.83 4.62
N LEU A 82 -4.37 -12.40 4.18
CA LEU A 82 -5.08 -11.33 4.87
C LEU A 82 -5.79 -11.78 6.14
N PHE A 83 -6.45 -12.93 6.05
CA PHE A 83 -7.40 -13.37 7.11
C PHE A 83 -6.80 -14.44 8.01
N GLY A 84 -5.76 -15.10 7.52
CA GLY A 84 -5.08 -16.18 8.25
C GLY A 84 -5.42 -17.53 7.66
N LYS A 85 -4.43 -18.45 7.63
CA LYS A 85 -4.63 -19.79 7.04
C LYS A 85 -5.75 -20.46 7.80
N ASP A 86 -6.69 -21.06 7.06
CA ASP A 86 -7.90 -21.71 7.62
C ASP A 86 -8.65 -20.86 8.65
N ALA A 87 -8.70 -19.53 8.45
CA ALA A 87 -9.43 -18.62 9.33
C ALA A 87 -10.90 -19.06 9.35
N PRO A 88 -11.60 -18.93 10.48
CA PRO A 88 -13.05 -19.17 10.55
C PRO A 88 -13.88 -18.49 9.45
N VAL A 89 -13.57 -17.23 9.13
CA VAL A 89 -14.29 -16.54 8.08
C VAL A 89 -14.20 -17.25 6.69
N LEU A 90 -13.06 -17.89 6.43
CA LEU A 90 -12.86 -18.62 5.18
C LEU A 90 -13.53 -19.99 5.23
N LYS A 91 -13.43 -20.63 6.40
CA LYS A 91 -14.07 -21.94 6.56
C LYS A 91 -15.59 -21.80 6.40
N ASP A 92 -16.11 -20.67 6.89
CA ASP A 92 -17.54 -20.37 6.83
C ASP A 92 -18.01 -19.88 5.45
N GLY A 93 -17.08 -19.56 4.55
CA GLY A 93 -17.44 -19.19 3.17
C GLY A 93 -18.00 -17.78 3.12
N LEU A 94 -17.49 -16.90 3.97
CA LEU A 94 -18.06 -15.56 4.12
C LEU A 94 -17.21 -14.45 3.51
N VAL A 95 -16.27 -14.82 2.63
CA VAL A 95 -15.44 -13.77 1.99
C VAL A 95 -15.52 -13.92 0.46
N ALA A 96 -15.96 -12.86 -0.22
CA ALA A 96 -16.00 -12.84 -1.70
C ALA A 96 -14.68 -12.22 -2.14
N THR A 97 -13.86 -12.97 -2.87
CA THR A 97 -12.51 -12.49 -3.28
C THR A 97 -12.30 -12.67 -4.76
N ILE A 98 -11.75 -11.61 -5.39
CA ILE A 98 -11.26 -11.70 -6.77
C ILE A 98 -9.79 -11.30 -6.83
N ALA A 99 -9.06 -11.88 -7.80
CA ALA A 99 -7.76 -11.35 -8.18
C ALA A 99 -7.97 -10.05 -8.94
N THR A 100 -7.02 -9.14 -8.84
CA THR A 100 -7.22 -7.79 -9.45
C THR A 100 -5.94 -7.36 -10.15
N ILE A 101 -6.04 -6.24 -10.90
CA ILE A 101 -4.91 -5.65 -11.65
CA ILE A 101 -4.86 -5.69 -11.63
C ILE A 101 -4.13 -4.79 -10.64
N GLY A 102 -3.29 -5.42 -9.79
CA GLY A 102 -2.62 -4.68 -8.71
C GLY A 102 -3.59 -4.19 -7.64
N GLY A 103 -3.06 -3.45 -6.67
CA GLY A 103 -3.95 -2.81 -5.65
C GLY A 103 -4.81 -1.70 -6.29
N SER A 104 -4.27 -1.05 -7.32
CA SER A 104 -5.03 0.01 -8.03
C SER A 104 -6.30 -0.56 -8.63
N GLY A 105 -6.15 -1.69 -9.32
CA GLY A 105 -7.36 -2.32 -9.92
C GLY A 105 -8.34 -2.84 -8.86
N ALA A 106 -7.85 -3.29 -7.70
CA ALA A 106 -8.77 -3.69 -6.65
C ALA A 106 -9.58 -2.49 -6.12
N LEU A 107 -8.87 -1.39 -5.89
CA LEU A 107 -9.56 -0.14 -5.43
C LEU A 107 -10.62 0.26 -6.49
N LYS A 108 -10.26 0.20 -7.78
CA LYS A 108 -11.21 0.59 -8.84
C LYS A 108 -12.43 -0.34 -8.85
N VAL A 109 -12.23 -1.66 -8.81
CA VAL A 109 -13.42 -2.55 -8.80
C VAL A 109 -14.27 -2.28 -7.55
N GLY A 110 -13.63 -2.11 -6.36
CA GLY A 110 -14.37 -1.88 -5.13
C GLY A 110 -15.16 -0.56 -5.29
N ALA A 111 -14.51 0.50 -5.80
CA ALA A 111 -15.20 1.79 -5.97
C ALA A 111 -16.35 1.66 -6.97
N GLU A 112 -16.14 0.94 -8.08
CA GLU A 112 -17.25 0.77 -9.05
C GLU A 112 -18.44 0.03 -8.40
N PHE A 113 -18.16 -1.01 -7.59
CA PHE A 113 -19.20 -1.74 -6.91
C PHE A 113 -19.95 -0.82 -5.94
N ILE A 114 -19.19 -0.05 -5.14
CA ILE A 114 -19.79 0.91 -4.20
C ILE A 114 -20.65 1.97 -4.94
N HIS A 115 -20.13 2.54 -6.03
CA HIS A 115 -20.92 3.52 -6.80
C HIS A 115 -22.24 2.91 -7.32
N GLU A 116 -22.19 1.66 -7.76
CA GLU A 116 -23.40 1.02 -8.31
C GLU A 116 -24.44 0.66 -7.23
N TRP A 117 -23.99 0.05 -6.14
CA TRP A 117 -24.89 -0.56 -5.17
C TRP A 117 -25.14 0.32 -3.94
N PHE A 118 -24.22 1.26 -3.70
CA PHE A 118 -24.33 2.23 -2.61
C PHE A 118 -24.17 3.67 -3.16
N PRO A 119 -25.05 4.06 -4.12
CA PRO A 119 -24.83 5.32 -4.85
C PRO A 119 -24.84 6.58 -3.99
N GLN A 120 -25.40 6.52 -2.79
CA GLN A 120 -25.48 7.65 -1.89
C GLN A 120 -24.37 7.69 -0.85
N SER A 121 -23.47 6.71 -0.87
CA SER A 121 -22.33 6.69 0.04
C SER A 121 -21.25 7.65 -0.45
N LYS A 122 -20.69 8.39 0.50
CA LYS A 122 -19.47 9.21 0.27
C LYS A 122 -18.26 8.45 0.83
N CYS A 123 -17.08 8.67 0.23
CA CYS A 123 -15.85 8.05 0.70
CA CYS A 123 -15.87 8.05 0.73
C CYS A 123 -14.93 9.07 1.36
N TYR A 124 -14.25 8.70 2.45
CA TYR A 124 -13.32 9.59 3.07
C TYR A 124 -11.96 8.94 3.16
N VAL A 125 -10.94 9.75 2.80
CA VAL A 125 -9.53 9.26 2.79
C VAL A 125 -8.74 9.96 3.88
N SER A 126 -7.60 9.40 4.32
CA SER A 126 -6.84 10.09 5.37
C SER A 126 -6.18 11.38 4.83
N ASP A 127 -6.04 12.36 5.71
CA ASP A 127 -5.23 13.53 5.38
C ASP A 127 -3.80 13.36 5.95
N PRO A 128 -2.76 13.13 5.14
CA PRO A 128 -2.78 12.94 3.69
C PRO A 128 -2.90 11.46 3.38
N THR A 129 -3.04 11.18 2.10
CA THR A 129 -3.06 9.78 1.64
C THR A 129 -2.33 9.69 0.30
N TRP A 130 -2.16 8.47 -0.19
CA TRP A 130 -1.66 8.25 -1.56
C TRP A 130 -2.66 8.89 -2.52
N GLY A 131 -2.20 9.81 -3.34
CA GLY A 131 -3.13 10.65 -4.12
C GLY A 131 -4.02 9.83 -5.04
N ASN A 132 -3.52 8.68 -5.50
CA ASN A 132 -4.37 7.91 -6.40
C ASN A 132 -5.65 7.34 -5.73
N HIS A 133 -5.71 7.24 -4.39
CA HIS A 133 -6.95 6.87 -3.74
C HIS A 133 -8.05 7.84 -4.20
N ILE A 134 -7.73 9.15 -4.14
CA ILE A 134 -8.78 10.14 -4.49
C ILE A 134 -9.09 10.04 -5.98
N ALA A 135 -8.05 9.91 -6.81
CA ALA A 135 -8.26 9.84 -8.27
C ALA A 135 -9.15 8.64 -8.65
N ILE A 136 -8.91 7.49 -8.02
CA ILE A 136 -9.67 6.29 -8.38
C ILE A 136 -11.15 6.45 -7.97
N PHE A 137 -11.41 6.88 -6.75
CA PHE A 137 -12.79 6.97 -6.27
C PHE A 137 -13.54 8.13 -6.96
N GLU A 138 -12.90 9.30 -7.09
CA GLU A 138 -13.57 10.40 -7.84
C GLU A 138 -13.87 10.01 -9.28
N GLY A 139 -13.00 9.15 -9.85
CA GLY A 139 -13.16 8.70 -11.23
C GLY A 139 -14.34 7.77 -11.39
N CYS A 140 -14.92 7.32 -10.28
CA CYS A 140 -16.14 6.52 -10.28
C CYS A 140 -17.37 7.35 -9.98
N ASP A 141 -17.19 8.67 -9.94
CA ASP A 141 -18.29 9.62 -9.63
C ASP A 141 -18.78 9.46 -8.20
N ILE A 142 -17.87 9.04 -7.32
CA ILE A 142 -18.12 9.03 -5.87
C ILE A 142 -17.56 10.32 -5.27
N GLU A 143 -18.32 10.93 -4.36
CA GLU A 143 -17.84 12.12 -3.64
CA GLU A 143 -17.84 12.12 -3.64
C GLU A 143 -16.80 11.68 -2.61
N VAL A 144 -15.67 12.38 -2.61
CA VAL A 144 -14.56 12.03 -1.70
C VAL A 144 -14.19 13.20 -0.81
N GLY A 145 -14.12 12.95 0.48
CA GLY A 145 -13.60 13.93 1.46
C GLY A 145 -12.42 13.34 2.22
N LYS A 146 -11.96 14.08 3.23
CA LYS A 146 -10.80 13.65 4.03
C LYS A 146 -11.19 13.54 5.47
N TYR A 147 -10.57 12.61 6.20
CA TYR A 147 -10.67 12.63 7.64
C TYR A 147 -9.34 13.08 8.23
N PRO A 148 -9.37 13.83 9.37
CA PRO A 148 -8.11 14.22 9.98
C PRO A 148 -7.19 13.08 10.43
N TYR A 149 -5.93 13.14 10.00
CA TYR A 149 -5.03 12.09 10.38
C TYR A 149 -3.66 12.53 10.88
N TYR A 150 -2.83 13.09 10.00
CA TYR A 150 -1.43 13.36 10.36
C TYR A 150 -1.37 14.71 11.02
N ASP A 151 -0.70 14.71 12.17
CA ASP A 151 -0.53 15.96 12.83
C ASP A 151 0.87 16.53 12.59
N THR A 152 0.98 17.63 11.85
CA THR A 152 2.31 18.18 11.49
C THR A 152 3.06 18.69 12.74
N ALA A 153 2.31 19.03 13.78
CA ALA A 153 2.89 19.58 15.01
C ALA A 153 3.59 18.51 15.85
N THR A 154 2.99 17.33 15.91
CA THR A 154 3.46 16.27 16.82
C THR A 154 4.16 15.17 16.06
N GLY A 155 3.91 15.09 14.74
CA GLY A 155 4.33 13.92 13.94
C GLY A 155 3.49 12.67 14.24
N GLY A 156 2.45 12.83 15.05
CA GLY A 156 1.53 11.74 15.42
C GLY A 156 0.18 11.86 14.70
N ILE A 157 -0.75 11.06 15.16
CA ILE A 157 -2.13 11.03 14.61
C ILE A 157 -3.02 11.92 15.46
N LYS A 158 -3.81 12.74 14.77
CA LYS A 158 -4.86 13.54 15.42
C LYS A 158 -6.00 12.64 15.79
N PHE A 159 -5.78 11.75 16.75
CA PHE A 159 -6.68 10.64 16.95
C PHE A 159 -8.07 11.09 17.38
N ASP A 160 -8.10 12.03 18.33
CA ASP A 160 -9.40 12.47 18.82
C ASP A 160 -10.21 13.18 17.73
N GLU A 161 -9.51 13.97 16.91
CA GLU A 161 -10.18 14.73 15.82
C GLU A 161 -10.69 13.75 14.78
N MET A 162 -9.92 12.68 14.55
CA MET A 162 -10.28 11.68 13.54
C MET A 162 -11.55 10.97 14.02
N ILE A 163 -11.57 10.52 15.30
CA ILE A 163 -12.76 9.90 15.87
C ILE A 163 -13.99 10.84 15.81
N ALA A 164 -13.79 12.11 16.19
CA ALA A 164 -14.88 13.12 16.18
C ALA A 164 -15.41 13.28 14.75
N PHE A 165 -14.52 13.24 13.77
CA PHE A 165 -14.94 13.27 12.38
C PHE A 165 -15.79 12.06 12.03
N PHE A 166 -15.33 10.85 12.40
CA PHE A 166 -16.11 9.65 12.05
C PHE A 166 -17.51 9.68 12.65
N GLU A 167 -17.63 10.29 13.84
CA GLU A 167 -18.92 10.37 14.49
CA GLU A 167 -18.90 10.42 14.53
C GLU A 167 -19.95 11.28 13.79
N THR A 168 -19.51 12.11 12.84
CA THR A 168 -20.38 12.95 12.02
C THR A 168 -20.93 12.26 10.75
N LEU A 169 -20.45 11.06 10.43
CA LEU A 169 -20.74 10.46 9.13
C LEU A 169 -22.04 9.65 9.10
N ASN A 170 -22.54 9.35 7.90
CA ASN A 170 -23.77 8.63 7.69
C ASN A 170 -23.59 7.12 7.56
N LYS A 171 -24.61 6.37 7.94
CA LYS A 171 -24.61 4.94 7.69
C LYS A 171 -24.23 4.66 6.23
N ASP A 172 -23.33 3.68 6.06
CA ASP A 172 -22.82 3.22 4.77
C ASP A 172 -21.83 4.17 4.09
N ASP A 173 -21.42 5.26 4.75
CA ASP A 173 -20.28 6.05 4.24
C ASP A 173 -19.05 5.16 4.34
N VAL A 174 -18.09 5.40 3.45
CA VAL A 174 -16.91 4.49 3.33
C VAL A 174 -15.68 5.20 3.86
N LEU A 175 -14.90 4.48 4.67
CA LEU A 175 -13.60 5.01 5.10
C LEU A 175 -12.48 4.21 4.47
N LEU A 176 -11.60 4.91 3.73
CA LEU A 176 -10.42 4.26 3.13
C LEU A 176 -9.32 4.33 4.16
N LEU A 177 -9.00 3.14 4.70
CA LEU A 177 -8.11 3.02 5.87
C LEU A 177 -6.84 2.27 5.48
N HIS A 178 -5.73 2.64 6.11
CA HIS A 178 -4.46 1.96 5.91
C HIS A 178 -4.20 1.09 7.14
N PRO A 179 -4.36 -0.24 7.02
CA PRO A 179 -4.16 -1.09 8.21
C PRO A 179 -2.71 -1.07 8.78
N CYS A 180 -1.73 -0.77 7.94
CA CYS A 180 -0.32 -0.73 8.33
CA CYS A 180 -0.32 -0.77 8.31
C CYS A 180 0.46 0.06 7.30
N CYS A 181 1.67 0.50 7.66
CA CYS A 181 2.60 1.08 6.73
C CYS A 181 1.95 2.24 5.97
N HIS A 182 1.44 3.22 6.72
CA HIS A 182 0.65 4.31 6.10
C HIS A 182 1.42 4.95 4.94
N ASN A 183 0.71 5.18 3.81
CA ASN A 183 1.29 5.89 2.68
C ASN A 183 0.55 7.23 2.58
N PRO A 184 1.19 8.40 2.80
CA PRO A 184 2.63 8.61 2.65
C PRO A 184 3.41 8.75 3.94
N THR A 185 2.75 8.73 5.08
CA THR A 185 3.43 9.23 6.29
C THR A 185 4.27 8.21 7.05
N GLY A 186 3.94 6.92 6.92
CA GLY A 186 4.55 5.88 7.80
C GLY A 186 4.09 5.93 9.23
N VAL A 187 3.08 6.78 9.53
CA VAL A 187 2.56 6.91 10.90
C VAL A 187 1.32 6.07 11.01
N ASP A 188 1.38 5.06 11.88
CA ASP A 188 0.36 4.06 12.00
C ASP A 188 -0.42 4.10 13.30
N LEU A 189 -1.69 3.67 13.25
CA LEU A 189 -2.48 3.46 14.48
C LEU A 189 -1.90 2.34 15.34
N THR A 190 -1.96 2.53 16.67
CA THR A 190 -1.66 1.41 17.59
C THR A 190 -2.81 0.40 17.61
N ARG A 191 -2.61 -0.79 18.17
CA ARG A 191 -3.69 -1.76 18.29
C ARG A 191 -4.87 -1.20 19.09
N GLU A 192 -4.56 -0.50 20.19
CA GLU A 192 -5.59 0.07 21.01
C GLU A 192 -6.37 1.12 20.23
N GLN A 193 -5.68 1.90 19.39
CA GLN A 193 -6.34 2.91 18.53
C GLN A 193 -7.25 2.20 17.51
N TRP A 194 -6.75 1.11 16.90
CA TRP A 194 -7.62 0.31 16.00
C TRP A 194 -8.89 -0.16 16.66
N ASP A 195 -8.77 -0.69 17.90
CA ASP A 195 -9.95 -1.24 18.56
C ASP A 195 -10.99 -0.10 18.72
N THR A 196 -10.50 1.07 19.09
CA THR A 196 -11.35 2.24 19.29
C THR A 196 -12.01 2.69 17.98
N VAL A 197 -11.21 2.84 16.93
CA VAL A 197 -11.70 3.22 15.59
C VAL A 197 -12.78 2.23 15.15
N LEU A 198 -12.50 0.92 15.31
CA LEU A 198 -13.41 -0.08 14.74
C LEU A 198 -14.73 -0.11 15.52
N ASN A 199 -14.64 0.16 16.82
CA ASN A 199 -15.86 0.36 17.59
C ASN A 199 -16.73 1.55 17.09
N VAL A 200 -16.10 2.69 16.74
CA VAL A 200 -16.86 3.83 16.18
C VAL A 200 -17.47 3.44 14.83
N ILE A 201 -16.67 2.78 13.99
CA ILE A 201 -17.13 2.32 12.70
C ILE A 201 -18.35 1.39 12.87
N GLN A 202 -18.31 0.50 13.87
CA GLN A 202 -19.44 -0.41 14.10
C GLN A 202 -20.70 0.37 14.55
N GLU A 203 -20.50 1.27 15.51
CA GLU A 203 -21.59 2.05 16.06
CA GLU A 203 -21.61 2.03 16.06
C GLU A 203 -22.28 2.93 15.02
N ARG A 204 -21.47 3.61 14.17
CA ARG A 204 -21.96 4.52 13.12
C ARG A 204 -22.38 3.77 11.81
N GLU A 205 -22.14 2.46 11.77
CA GLU A 205 -22.48 1.58 10.62
C GLU A 205 -21.79 2.05 9.36
N LEU A 206 -20.53 2.40 9.51
CA LEU A 206 -19.69 2.82 8.38
C LEU A 206 -19.10 1.59 7.70
N ILE A 207 -18.65 1.78 6.46
CA ILE A 207 -18.02 0.66 5.71
C ILE A 207 -16.51 0.88 5.74
N PRO A 208 -15.76 -0.01 6.43
CA PRO A 208 -14.30 0.16 6.39
C PRO A 208 -13.76 -0.48 5.11
N PHE A 209 -12.90 0.25 4.41
CA PHE A 209 -12.27 -0.25 3.17
C PHE A 209 -10.78 -0.16 3.46
N MET A 210 -10.16 -1.30 3.77
CA MET A 210 -8.73 -1.28 4.10
C MET A 210 -7.92 -1.58 2.86
N ASP A 211 -6.91 -0.75 2.62
CA ASP A 211 -6.03 -0.90 1.46
C ASP A 211 -4.65 -1.22 1.98
N ILE A 212 -4.19 -2.44 1.65
CA ILE A 212 -2.91 -2.93 2.19
C ILE A 212 -1.94 -3.24 1.04
N ALA A 213 -0.82 -2.53 1.00
CA ALA A 213 0.11 -2.71 -0.10
C ALA A 213 1.49 -3.10 0.38
N TYR A 214 1.74 -3.01 1.69
CA TYR A 214 3.11 -3.33 2.17
CA TYR A 214 3.09 -3.25 2.24
C TYR A 214 3.07 -4.30 3.33
N GLN A 215 2.18 -5.29 3.20
CA GLN A 215 2.10 -6.30 4.25
C GLN A 215 3.43 -7.04 4.35
N GLY A 216 3.92 -7.10 5.59
CA GLY A 216 5.23 -7.71 5.85
C GLY A 216 6.36 -6.73 6.00
N PHE A 217 6.13 -5.47 5.59
CA PHE A 217 7.16 -4.43 5.74
C PHE A 217 7.04 -3.67 7.05
N GLY A 218 5.97 -3.94 7.82
CA GLY A 218 5.73 -3.22 9.11
C GLY A 218 6.43 -3.99 10.22
N GLU A 219 5.68 -4.92 10.80
CA GLU A 219 6.20 -5.80 11.84
CA GLU A 219 6.19 -5.80 11.85
C GLU A 219 6.41 -7.21 11.31
N ASP A 220 5.33 -7.86 10.89
CA ASP A 220 5.36 -9.22 10.30
C ASP A 220 4.02 -9.42 9.61
N MET A 221 3.85 -10.50 8.84
CA MET A 221 2.60 -10.69 8.06
CA MET A 221 2.61 -10.67 8.05
C MET A 221 1.35 -10.66 8.95
N ASP A 222 1.38 -11.41 10.07
CA ASP A 222 0.19 -11.45 10.93
C ASP A 222 -0.09 -10.13 11.63
N SER A 223 0.95 -9.51 12.20
CA SER A 223 0.79 -8.24 12.93
CA SER A 223 0.81 -8.23 12.92
C SER A 223 0.29 -7.14 11.99
N ASP A 224 0.82 -7.13 10.77
CA ASP A 224 0.43 -6.07 9.82
C ASP A 224 -1.05 -6.17 9.46
N ALA A 225 -1.62 -7.37 9.58
CA ALA A 225 -3.03 -7.61 9.31
C ALA A 225 -3.92 -7.46 10.52
N TYR A 226 -3.41 -6.97 11.68
CA TYR A 226 -4.23 -6.92 12.86
C TYR A 226 -5.60 -6.28 12.60
N ALA A 227 -5.60 -5.08 11.97
CA ALA A 227 -6.83 -4.31 11.85
C ALA A 227 -7.85 -5.05 10.98
N ILE A 228 -7.36 -5.77 9.96
CA ILE A 228 -8.22 -6.56 9.09
C ILE A 228 -8.88 -7.66 9.92
N ARG A 229 -8.07 -8.37 10.70
CA ARG A 229 -8.60 -9.52 11.41
C ARG A 229 -9.48 -9.09 12.55
N LYS A 230 -9.18 -7.93 13.14
CA LYS A 230 -10.06 -7.38 14.17
C LYS A 230 -11.44 -7.00 13.60
N ALA A 231 -11.44 -6.33 12.44
CA ALA A 231 -12.70 -5.95 11.79
C ALA A 231 -13.56 -7.17 11.47
N VAL A 232 -12.92 -8.25 11.01
CA VAL A 232 -13.63 -9.50 10.74
C VAL A 232 -14.28 -10.04 12.03
N ASP A 233 -13.50 -10.10 13.10
CA ASP A 233 -13.99 -10.65 14.35
CA ASP A 233 -13.97 -10.63 14.38
C ASP A 233 -15.18 -9.86 14.90
N MET A 234 -15.20 -8.55 14.64
CA MET A 234 -16.30 -7.68 15.04
C MET A 234 -17.54 -7.75 14.16
N GLY A 235 -17.45 -8.44 13.03
CA GLY A 235 -18.57 -8.58 12.11
C GLY A 235 -18.81 -7.37 11.25
N LEU A 236 -17.78 -6.58 10.98
CA LEU A 236 -17.91 -5.42 10.10
C LEU A 236 -17.96 -5.81 8.61
N PRO A 237 -18.62 -4.99 7.78
CA PRO A 237 -18.74 -5.23 6.34
C PRO A 237 -17.45 -4.76 5.62
N LEU A 238 -16.38 -5.48 5.84
CA LEU A 238 -15.06 -5.01 5.46
C LEU A 238 -14.77 -5.29 3.99
N PHE A 239 -14.24 -4.26 3.30
CA PHE A 239 -13.60 -4.42 1.98
C PHE A 239 -12.11 -4.36 2.22
N VAL A 240 -11.36 -5.23 1.53
CA VAL A 240 -9.89 -5.19 1.63
C VAL A 240 -9.32 -5.27 0.24
N SER A 241 -8.56 -4.24 -0.14
CA SER A 241 -7.75 -4.33 -1.38
C SER A 241 -6.34 -4.64 -0.98
N ASN A 242 -5.72 -5.63 -1.63
CA ASN A 242 -4.31 -5.95 -1.30
C ASN A 242 -3.48 -5.96 -2.55
N SER A 243 -2.21 -5.65 -2.41
CA SER A 243 -1.32 -5.65 -3.58
C SER A 243 -0.15 -6.59 -3.28
N PHE A 244 0.28 -7.33 -4.31
CA PHE A 244 1.56 -8.06 -4.23
C PHE A 244 2.67 -7.32 -4.97
N SER A 245 2.40 -6.09 -5.48
CA SER A 245 3.44 -5.42 -6.26
C SER A 245 4.78 -5.29 -5.49
N LYS A 246 4.71 -4.83 -4.25
CA LYS A 246 5.93 -4.55 -3.48
C LYS A 246 6.48 -5.80 -2.77
N ASN A 247 5.60 -6.50 -2.08
CA ASN A 247 6.12 -7.68 -1.35
C ASN A 247 6.48 -8.87 -2.22
N LEU A 248 6.04 -8.97 -3.48
CA LEU A 248 6.57 -10.00 -4.39
C LEU A 248 7.58 -9.40 -5.37
N SER A 249 7.93 -8.09 -5.24
CA SER A 249 8.81 -7.39 -6.20
C SER A 249 8.30 -7.66 -7.63
N LEU A 250 6.99 -7.47 -7.81
CA LEU A 250 6.34 -7.88 -9.08
C LEU A 250 5.42 -6.79 -9.58
N TYR A 251 5.87 -5.56 -9.35
CA TYR A 251 5.13 -4.33 -9.75
C TYR A 251 4.54 -4.45 -11.15
N GLY A 252 5.37 -4.83 -12.14
CA GLY A 252 4.89 -4.82 -13.53
C GLY A 252 3.89 -5.88 -13.90
N GLU A 253 3.74 -6.98 -13.12
CA GLU A 253 2.79 -8.04 -13.55
C GLU A 253 1.36 -7.79 -13.06
N ARG A 254 1.15 -6.74 -12.24
CA ARG A 254 -0.20 -6.32 -11.85
C ARG A 254 -1.08 -7.27 -11.03
N VAL A 255 -0.52 -7.69 -9.90
CA VAL A 255 -1.18 -8.67 -9.07
C VAL A 255 -1.65 -8.12 -7.72
N GLY A 256 -2.95 -8.29 -7.46
CA GLY A 256 -3.52 -7.89 -6.16
C GLY A 256 -4.78 -8.68 -5.95
N GLY A 257 -5.51 -8.28 -4.94
CA GLY A 257 -6.85 -8.91 -4.70
C GLY A 257 -7.82 -7.90 -4.13
N LEU A 258 -9.09 -8.21 -4.26
CA LEU A 258 -10.15 -7.47 -3.54
C LEU A 258 -11.01 -8.50 -2.81
N SER A 259 -11.24 -8.27 -1.51
CA SER A 259 -12.07 -9.18 -0.71
C SER A 259 -13.18 -8.38 -0.02
N VAL A 260 -14.36 -8.97 0.04
CA VAL A 260 -15.48 -8.34 0.75
C VAL A 260 -16.00 -9.36 1.76
N VAL A 261 -16.05 -8.96 3.02
CA VAL A 261 -16.48 -9.88 4.10
C VAL A 261 -17.99 -9.68 4.33
N CYS A 262 -18.72 -10.79 4.25
CA CYS A 262 -20.19 -10.76 4.21
C CYS A 262 -20.75 -11.52 5.41
N PRO A 263 -21.99 -11.19 5.85
CA PRO A 263 -22.53 -11.84 7.08
C PRO A 263 -23.03 -13.27 6.86
N THR A 264 -23.42 -13.61 5.62
CA THR A 264 -24.03 -14.91 5.26
C THR A 264 -23.46 -15.41 3.92
N VAL A 265 -23.60 -16.72 3.68
CA VAL A 265 -23.16 -17.34 2.44
C VAL A 265 -23.96 -16.79 1.26
N ASP A 266 -25.26 -16.54 1.43
CA ASP A 266 -26.05 -16.03 0.32
C ASP A 266 -25.58 -14.61 -0.05
N GLU A 267 -25.23 -13.81 0.94
CA GLU A 267 -24.72 -12.45 0.63
C GLU A 267 -23.35 -12.54 -0.02
N THR A 268 -22.52 -13.49 0.40
CA THR A 268 -21.22 -13.74 -0.26
C THR A 268 -21.44 -14.06 -1.75
N GLU A 269 -22.44 -14.89 -2.06
CA GLU A 269 -22.74 -15.25 -3.45
C GLU A 269 -23.20 -14.01 -4.26
N ARG A 270 -24.06 -13.20 -3.66
CA ARG A 270 -24.55 -11.97 -4.32
C ARG A 270 -23.36 -11.04 -4.61
N VAL A 271 -22.55 -10.79 -3.60
CA VAL A 271 -21.40 -9.87 -3.74
C VAL A 271 -20.37 -10.46 -4.72
N PHE A 272 -20.04 -11.76 -4.58
CA PHE A 272 -19.05 -12.35 -5.51
C PHE A 272 -19.53 -12.24 -6.95
N GLY A 273 -20.83 -12.55 -7.18
CA GLY A 273 -21.36 -12.42 -8.56
C GLY A 273 -21.22 -11.00 -9.09
N GLN A 274 -21.55 -10.02 -8.26
CA GLN A 274 -21.47 -8.62 -8.72
C GLN A 274 -20.04 -8.17 -8.90
N LEU A 275 -19.10 -8.69 -8.09
CA LEU A 275 -17.66 -8.39 -8.38
C LEU A 275 -17.28 -8.92 -9.77
N ASN A 276 -17.73 -10.14 -10.10
CA ASN A 276 -17.48 -10.70 -11.44
C ASN A 276 -18.10 -9.80 -12.52
N SER A 277 -19.36 -9.39 -12.36
CA SER A 277 -20.00 -8.50 -13.33
C SER A 277 -19.20 -7.19 -13.50
N THR A 278 -18.68 -6.67 -12.38
CA THR A 278 -17.93 -5.41 -12.39
C THR A 278 -16.63 -5.59 -13.17
N VAL A 279 -15.89 -6.68 -12.88
CA VAL A 279 -14.68 -7.01 -13.64
C VAL A 279 -14.98 -7.08 -15.14
N ARG A 280 -16.06 -7.78 -15.49
CA ARG A 280 -16.36 -8.06 -16.90
C ARG A 280 -16.42 -6.75 -17.68
N ARG A 281 -17.04 -5.70 -17.08
CA ARG A 281 -17.24 -4.43 -17.80
C ARG A 281 -16.10 -3.43 -17.62
N ILE A 282 -14.97 -3.85 -17.00
CA ILE A 282 -13.79 -3.00 -16.91
C ILE A 282 -12.64 -3.57 -17.73
N TYR A 283 -12.38 -4.87 -17.56
CA TYR A 283 -11.23 -5.50 -18.29
C TYR A 283 -11.42 -6.98 -18.59
N SER A 284 -12.62 -7.51 -18.32
CA SER A 284 -13.00 -8.91 -18.64
CA SER A 284 -13.00 -8.92 -18.62
C SER A 284 -12.41 -9.96 -17.69
N SER A 285 -11.07 -10.02 -17.60
CA SER A 285 -10.43 -11.00 -16.68
C SER A 285 -8.98 -10.56 -16.52
N PRO A 286 -8.32 -11.05 -15.45
CA PRO A 286 -6.97 -10.53 -15.11
C PRO A 286 -5.85 -11.37 -15.77
N PRO A 287 -4.59 -10.90 -15.68
CA PRO A 287 -3.53 -11.51 -16.50
C PRO A 287 -3.01 -12.84 -15.96
N SER A 288 -2.84 -13.77 -16.88
CA SER A 288 -2.44 -15.13 -16.59
C SER A 288 -1.04 -15.19 -15.94
N HIS A 289 -0.06 -14.49 -16.50
CA HIS A 289 1.33 -14.74 -16.00
C HIS A 289 1.43 -14.36 -14.50
N GLY A 290 1.03 -13.14 -14.15
CA GLY A 290 1.08 -12.73 -12.74
C GLY A 290 0.21 -13.60 -11.87
N GLY A 291 -0.98 -13.99 -12.35
CA GLY A 291 -1.86 -14.86 -11.54
C GLY A 291 -1.17 -16.18 -11.22
N ARG A 292 -0.51 -16.76 -12.24
CA ARG A 292 0.18 -18.06 -12.00
C ARG A 292 1.32 -17.87 -11.00
N VAL A 293 2.05 -16.78 -11.09
CA VAL A 293 3.17 -16.58 -10.11
C VAL A 293 2.57 -16.57 -8.69
N VAL A 294 1.51 -15.76 -8.49
CA VAL A 294 0.88 -15.69 -7.14
C VAL A 294 0.39 -17.06 -6.72
N ASP A 295 -0.34 -17.76 -7.61
CA ASP A 295 -0.86 -19.09 -7.29
C ASP A 295 0.29 -20.04 -6.83
N ILE A 296 1.35 -20.08 -7.64
CA ILE A 296 2.45 -21.04 -7.37
C ILE A 296 3.15 -20.66 -6.07
N VAL A 297 3.52 -19.39 -5.90
CA VAL A 297 4.27 -19.04 -4.66
C VAL A 297 3.40 -19.21 -3.43
N MET A 298 2.16 -18.69 -3.44
CA MET A 298 1.36 -18.71 -2.18
C MET A 298 0.94 -20.13 -1.75
N ASN A 299 0.78 -21.03 -2.71
CA ASN A 299 0.21 -22.36 -2.39
C ASN A 299 1.21 -23.49 -2.30
N ASP A 300 2.51 -23.18 -2.47
CA ASP A 300 3.55 -24.15 -2.22
C ASP A 300 4.16 -23.76 -0.89
N ALA A 301 4.08 -24.66 0.11
CA ALA A 301 4.50 -24.23 1.45
C ALA A 301 5.97 -23.86 1.48
N ALA A 302 6.79 -24.54 0.66
CA ALA A 302 8.23 -24.18 0.58
C ALA A 302 8.47 -22.83 -0.04
N LEU A 303 7.83 -22.56 -1.18
CA LEU A 303 8.03 -21.23 -1.80
C LEU A 303 7.41 -20.12 -0.92
N HIS A 304 6.30 -20.43 -0.24
CA HIS A 304 5.65 -19.42 0.62
C HIS A 304 6.58 -19.08 1.78
N GLU A 305 7.20 -20.11 2.37
CA GLU A 305 8.13 -19.85 3.52
C GLU A 305 9.34 -19.04 3.01
N GLN A 306 9.84 -19.40 1.82
CA GLN A 306 10.96 -18.68 1.21
C GLN A 306 10.57 -17.21 1.00
N TRP A 307 9.39 -17.01 0.41
CA TRP A 307 8.88 -15.64 0.14
C TRP A 307 8.81 -14.83 1.45
N VAL A 308 8.19 -15.38 2.49
CA VAL A 308 8.08 -14.63 3.77
C VAL A 308 9.47 -14.18 4.24
N GLY A 309 10.45 -15.08 4.17
CA GLY A 309 11.81 -14.72 4.54
C GLY A 309 12.42 -13.63 3.68
N GLU A 310 12.09 -13.65 2.38
CA GLU A 310 12.60 -12.59 1.47
C GLU A 310 11.95 -11.25 1.83
N VAL A 311 10.65 -11.28 2.17
CA VAL A 311 10.00 -10.00 2.55
C VAL A 311 10.63 -9.47 3.84
N TYR A 312 10.86 -10.37 4.80
CA TYR A 312 11.38 -9.90 6.12
C TYR A 312 12.81 -9.37 5.97
N ALA A 313 13.55 -9.91 5.02
CA ALA A 313 14.88 -9.33 4.69
C ALA A 313 14.78 -7.90 4.14
N MET A 314 13.78 -7.65 3.28
CA MET A 314 13.55 -6.28 2.75
C MET A 314 13.16 -5.35 3.93
N ARG A 315 12.22 -5.82 4.77
CA ARG A 315 11.77 -5.13 6.00
C ARG A 315 12.97 -4.73 6.84
N ASP A 316 13.87 -5.68 7.05
CA ASP A 316 15.04 -5.46 7.95
C ASP A 316 16.03 -4.50 7.36
N ARG A 317 16.20 -4.52 6.03
CA ARG A 317 17.11 -3.55 5.41
C ARG A 317 16.60 -2.13 5.55
N ILE A 318 15.29 -1.97 5.35
CA ILE A 318 14.66 -0.66 5.47
C ILE A 318 14.88 -0.18 6.92
N LYS A 319 14.68 -1.07 7.90
CA LYS A 319 14.83 -0.66 9.33
C LYS A 319 16.27 -0.25 9.61
N SER A 320 17.25 -0.92 8.95
CA SER A 320 18.66 -0.54 9.13
CA SER A 320 18.67 -0.56 9.11
CA SER A 320 18.67 -0.54 9.14
C SER A 320 18.94 0.85 8.56
N MET A 321 18.34 1.17 7.41
CA MET A 321 18.53 2.49 6.83
C MET A 321 17.91 3.58 7.72
N ARG A 322 16.74 3.29 8.33
CA ARG A 322 16.08 4.28 9.20
C ARG A 322 17.02 4.63 10.36
N THR A 323 17.62 3.62 10.96
CA THR A 323 18.50 3.88 12.11
CA THR A 323 18.53 3.81 12.10
C THR A 323 19.77 4.59 11.69
N LYS A 324 20.36 4.20 10.55
CA LYS A 324 21.61 4.81 10.07
CA LYS A 324 21.61 4.81 10.05
C LYS A 324 21.40 6.27 9.72
N LEU A 325 20.34 6.57 8.95
CA LEU A 325 20.09 7.95 8.59
C LEU A 325 19.79 8.81 9.81
N LYS A 326 18.99 8.30 10.76
CA LYS A 326 18.69 9.08 11.98
C LYS A 326 19.99 9.42 12.73
N SER A 327 20.88 8.45 12.89
CA SER A 327 22.11 8.72 13.67
CA SER A 327 22.15 8.68 13.64
C SER A 327 22.99 9.74 12.97
N VAL A 328 23.04 9.68 11.63
CA VAL A 328 23.84 10.65 10.87
C VAL A 328 23.24 12.04 10.99
N LEU A 329 21.91 12.17 10.79
CA LEU A 329 21.24 13.48 10.89
C LEU A 329 21.35 14.08 12.29
N GLU A 330 21.23 13.23 13.31
CA GLU A 330 21.30 13.73 14.70
C GLU A 330 22.67 14.28 15.00
N ALA A 331 23.71 13.68 14.39
CA ALA A 331 25.08 14.18 14.59
C ALA A 331 25.34 15.49 13.81
N LYS A 332 24.74 15.61 12.62
CA LYS A 332 25.02 16.73 11.71
C LYS A 332 24.27 17.99 12.12
N ILE A 333 23.13 17.81 12.80
CA ILE A 333 22.32 18.92 13.35
C ILE A 333 22.01 18.65 14.83
N SER A 334 22.91 19.10 15.70
CA SER A 334 22.88 18.85 17.16
C SER A 334 21.58 19.30 17.84
N GLY A 335 20.93 18.37 18.53
CA GLY A 335 19.75 18.68 19.35
C GLY A 335 18.39 18.64 18.69
N ARG A 336 18.35 18.84 17.36
CA ARG A 336 17.10 18.80 16.58
C ARG A 336 16.58 17.37 16.38
N ASN A 337 15.26 17.23 16.19
CA ASN A 337 14.60 15.92 16.32
C ASN A 337 14.31 15.10 15.08
N PHE A 338 14.91 13.91 15.04
CA PHE A 338 14.70 12.99 13.91
C PHE A 338 14.10 11.64 14.31
N ASP A 339 13.40 11.60 15.46
CA ASP A 339 12.81 10.35 15.97
C ASP A 339 11.83 9.77 14.97
N TYR A 340 11.22 10.64 14.17
CA TYR A 340 10.26 10.15 13.16
C TYR A 340 10.85 9.10 12.23
N LEU A 341 12.16 9.19 11.95
CA LEU A 341 12.79 8.21 11.04
C LEU A 341 12.68 6.79 11.54
N THR A 342 12.84 6.57 12.84
CA THR A 342 12.72 5.21 13.36
C THR A 342 11.34 4.88 13.91
N ALA A 343 10.52 5.90 14.17
CA ALA A 343 9.13 5.69 14.66
C ALA A 343 8.19 5.33 13.53
N GLN A 344 8.48 5.83 12.34
CA GLN A 344 7.59 5.55 11.19
C GLN A 344 7.86 4.13 10.66
N ASN A 345 6.90 3.59 9.93
CA ASN A 345 6.90 2.16 9.57
C ASN A 345 6.73 1.98 8.07
N GLY A 346 7.32 0.94 7.53
CA GLY A 346 7.06 0.57 6.12
C GLY A 346 8.07 1.18 5.20
N MET A 347 7.64 1.43 3.97
CA MET A 347 8.50 1.94 2.96
C MET A 347 8.84 3.41 3.11
N PHE A 348 7.98 4.17 3.80
CA PHE A 348 8.07 5.62 3.70
C PHE A 348 8.39 6.33 5.00
N SER A 349 9.02 7.50 4.87
CA SER A 349 9.06 8.47 5.96
C SER A 349 8.53 9.79 5.49
N PHE A 350 7.91 10.55 6.39
CA PHE A 350 7.37 11.85 6.03
C PHE A 350 8.32 12.84 6.67
N THR A 351 9.15 13.48 5.83
CA THR A 351 10.29 14.28 6.33
C THR A 351 9.89 15.66 6.84
N GLY A 352 8.71 16.13 6.48
CA GLY A 352 8.24 17.46 6.85
C GLY A 352 8.90 18.62 6.10
N LEU A 353 9.75 18.31 5.11
CA LEU A 353 10.34 19.34 4.25
C LEU A 353 9.21 20.05 3.48
N THR A 354 9.38 21.36 3.24
CA THR A 354 8.38 22.10 2.47
C THR A 354 8.45 21.73 0.98
N PRO A 355 7.41 22.10 0.19
CA PRO A 355 7.56 21.85 -1.24
C PRO A 355 8.80 22.51 -1.86
N GLU A 356 9.16 23.71 -1.39
CA GLU A 356 10.35 24.41 -1.88
C GLU A 356 11.63 23.64 -1.52
N GLN A 357 11.67 23.06 -0.32
CA GLN A 357 12.86 22.30 0.08
C GLN A 357 12.98 21.02 -0.74
N VAL A 358 11.84 20.38 -0.98
CA VAL A 358 11.81 19.19 -1.86
C VAL A 358 12.28 19.57 -3.29
N GLU A 359 11.82 20.71 -3.83
CA GLU A 359 12.25 21.22 -5.14
C GLU A 359 13.75 21.42 -5.15
N ARG A 360 14.28 22.00 -4.07
CA ARG A 360 15.73 22.27 -4.02
C ARG A 360 16.57 20.98 -3.94
N LEU A 361 16.09 19.99 -3.18
CA LEU A 361 16.75 18.69 -3.16
C LEU A 361 16.85 18.15 -4.59
N GLN A 362 15.77 18.33 -5.36
CA GLN A 362 15.76 17.84 -6.72
C GLN A 362 16.70 18.62 -7.64
N SER A 363 16.59 19.95 -7.59
CA SER A 363 17.29 20.79 -8.57
C SER A 363 18.78 20.90 -8.22
N GLU A 364 19.11 21.01 -6.93
CA GLU A 364 20.51 21.19 -6.52
C GLU A 364 21.24 19.85 -6.38
N PHE A 365 20.57 18.82 -5.87
CA PHE A 365 21.26 17.58 -5.53
C PHE A 365 20.85 16.37 -6.35
N GLY A 366 19.80 16.49 -7.19
CA GLY A 366 19.27 15.33 -7.88
C GLY A 366 18.72 14.27 -6.92
N ILE A 367 18.25 14.71 -5.77
CA ILE A 367 17.61 13.78 -4.81
C ILE A 367 16.09 13.99 -4.95
N TYR A 368 15.38 12.89 -5.24
CA TYR A 368 13.97 12.94 -5.61
C TYR A 368 13.12 12.41 -4.48
N MET A 369 12.35 13.31 -3.87
CA MET A 369 11.30 12.97 -2.89
C MET A 369 9.98 13.47 -3.49
N ILE A 370 8.87 12.97 -2.97
CA ILE A 370 7.55 13.48 -3.43
C ILE A 370 7.31 14.87 -2.82
N SER A 371 6.58 15.73 -3.54
CA SER A 371 6.40 17.15 -3.13
C SER A 371 5.75 17.32 -1.74
N ASN A 372 5.03 16.29 -1.26
CA ASN A 372 4.43 16.26 0.10
C ASN A 372 5.42 15.87 1.23
N SER A 373 6.71 15.78 0.88
CA SER A 373 7.87 15.42 1.77
C SER A 373 8.13 13.92 1.94
N ARG A 374 7.34 13.08 1.26
CA ARG A 374 7.51 11.62 1.42
C ARG A 374 8.83 11.16 0.81
N MET A 375 9.56 10.36 1.59
CA MET A 375 10.80 9.75 1.09
CA MET A 375 10.84 9.76 1.18
C MET A 375 10.66 8.24 1.14
N CYS A 376 11.15 7.59 0.08
CA CYS A 376 11.17 6.11 0.03
C CYS A 376 12.47 5.66 0.68
N VAL A 377 12.36 5.07 1.88
CA VAL A 377 13.54 4.67 2.67
C VAL A 377 14.38 3.62 1.96
N ALA A 378 13.72 2.76 1.16
CA ALA A 378 14.46 1.71 0.45
C ALA A 378 15.39 2.26 -0.61
N GLY A 379 15.25 3.53 -1.00
CA GLY A 379 16.17 4.11 -1.96
C GLY A 379 17.50 4.44 -1.32
N LEU A 380 17.55 4.41 0.01
CA LEU A 380 18.81 4.66 0.74
C LEU A 380 19.66 3.41 0.83
N ASN A 381 20.98 3.59 0.72
CA ASN A 381 21.90 2.47 0.98
C ASN A 381 23.24 3.06 1.43
N SER A 382 24.22 2.20 1.73
CA SER A 382 25.54 2.63 2.24
CA SER A 382 25.48 2.69 2.28
C SER A 382 26.20 3.64 1.32
N SER A 383 25.90 3.55 0.03
CA SER A 383 26.56 4.38 -1.01
C SER A 383 26.05 5.83 -1.10
N ASN A 384 24.84 6.09 -0.60
CA ASN A 384 24.21 7.40 -0.75
C ASN A 384 23.75 8.07 0.54
N ILE A 385 23.85 7.36 1.66
CA ILE A 385 23.28 7.89 2.89
C ILE A 385 23.96 9.20 3.36
N ASP A 386 25.29 9.27 3.28
CA ASP A 386 26.01 10.51 3.65
C ASP A 386 25.61 11.67 2.76
N TYR A 387 25.56 11.42 1.45
CA TYR A 387 25.17 12.41 0.44
C TYR A 387 23.79 12.97 0.71
N VAL A 388 22.86 12.05 0.95
CA VAL A 388 21.49 12.46 1.29
C VAL A 388 21.43 13.26 2.61
N ALA A 389 22.12 12.78 3.64
CA ALA A 389 22.09 13.46 4.93
C ALA A 389 22.65 14.89 4.77
N ASN A 390 23.78 15.02 4.05
CA ASN A 390 24.41 16.32 3.83
C ASN A 390 23.49 17.28 3.08
N ALA A 391 22.76 16.75 2.08
CA ALA A 391 21.85 17.56 1.29
C ALA A 391 20.69 18.02 2.18
N MET A 392 20.17 17.12 3.01
CA MET A 392 19.07 17.44 3.89
C MET A 392 19.50 18.51 4.89
N VAL A 393 20.73 18.42 5.39
CA VAL A 393 21.23 19.46 6.29
C VAL A 393 21.25 20.81 5.59
N ASP A 394 21.76 20.81 4.36
CA ASP A 394 21.86 22.04 3.54
C ASP A 394 20.48 22.67 3.35
N VAL A 395 19.48 21.86 3.00
CA VAL A 395 18.16 22.44 2.70
C VAL A 395 17.43 22.84 3.98
N LEU A 396 17.74 22.19 5.10
CA LEU A 396 17.08 22.50 6.37
C LEU A 396 17.58 23.78 7.00
N LYS A 397 18.79 24.19 6.60
CA LYS A 397 19.55 25.39 7.10
C LYS A 397 18.73 26.71 7.26
N ASP A 398 17.66 26.87 6.46
CA ASP A 398 16.72 28.02 6.54
C ASP A 398 16.15 28.39 7.94
#